data_8P4Z
#
_entry.id   8P4Z
#
_cell.length_a   188.170
_cell.length_b   188.170
_cell.length_c   188.170
_cell.angle_alpha   90.00
_cell.angle_beta   90.00
_cell.angle_gamma   90.00
#
_symmetry.space_group_name_H-M   'P 41 3 2'
#
loop_
_entity.id
_entity.type
_entity.pdbx_description
1 polymer 'Cyclin-dependent kinase 7'
2 non-polymer 2-[(3R)-piperidin-3-yl]oxy-8-propan-2-yl-N-[(2-pyrazol-1-ylphenyl)methyl]pyrazolo[1,5-a][1,3,5]triazin-4-amine
3 non-polymer GLYCEROL
4 non-polymer 'TRIETHYLENE GLYCOL'
5 non-polymer 'PENTAETHYLENE GLYCOL'
6 water water
#
_entity_poly.entity_id   1
_entity_poly.type   'polypeptide(L)'
_entity_poly.pdbx_seq_one_letter_code
;GPKRYEKLDFLGEGQFATVYKARDKNTNQIVAIKKIKLGHRSEAKDGINRTALREIKLLQELSHPNIIGLLDAFGHKSNI
SLVFDFMETDLEVIIKDNSLVLTPSHIKAYMLMTLQGLEYLHQHWILHRDLKPNNLLLDENGVLKLADFGLAKSFGSPNR
AYTHQVVTRWYRAPELLFGARMYGVGVDMWAVGCILAELLLRVPFLPGDSDLDQLTRIFETLGTPTEEQWPDMCSLPDYV
TFKSFPGIPLHHIFSAAGDDLLDLIQGLFLFNPCARITATQALKMKYFSNRPGPTPGCQLPRPN
;
_entity_poly.pdbx_strand_id   A,B
#
# COMPACT_ATOMS: atom_id res chain seq x y z
N ARG A 4 -3.24 -28.98 23.52
CA ARG A 4 -3.31 -30.29 22.88
C ARG A 4 -2.20 -30.53 21.82
N TYR A 5 -1.30 -29.55 21.62
CA TYR A 5 -0.21 -29.71 20.65
C TYR A 5 1.14 -29.35 21.27
N GLU A 6 2.21 -30.01 20.81
CA GLU A 6 3.55 -29.77 21.36
C GLU A 6 4.36 -28.79 20.52
N LYS A 7 4.46 -27.53 20.98
CA LYS A 7 5.20 -26.47 20.29
C LYS A 7 6.70 -26.80 20.22
N LEU A 8 7.24 -26.90 19.00
CA LEU A 8 8.64 -27.24 18.76
C LEU A 8 9.54 -26.05 18.42
N ASP A 9 9.12 -25.18 17.48
CA ASP A 9 9.97 -24.08 17.05
C ASP A 9 9.16 -22.82 16.63
N PHE A 10 9.85 -21.70 16.33
CA PHE A 10 9.24 -20.46 15.88
C PHE A 10 9.58 -20.25 14.40
N LEU A 11 8.56 -20.27 13.50
CA LEU A 11 8.77 -20.12 12.07
C LEU A 11 8.72 -18.66 11.61
N GLY A 12 7.81 -17.89 12.19
CA GLY A 12 7.64 -16.49 11.83
C GLY A 12 6.33 -15.93 12.35
N GLU A 13 6.29 -14.63 12.61
CA GLU A 13 5.10 -14.00 13.15
C GLU A 13 4.71 -12.72 12.39
N GLY A 14 3.44 -12.37 12.48
CA GLY A 14 2.86 -11.16 11.88
C GLY A 14 1.53 -10.81 12.50
N GLN A 15 0.99 -9.63 12.18
CA GLN A 15 -0.34 -9.24 12.68
C GLN A 15 -1.47 -10.05 11.99
N PHE A 16 -1.20 -10.58 10.78
CA PHE A 16 -2.12 -11.39 10.00
C PHE A 16 -2.27 -12.78 10.63
N ALA A 17 -1.16 -13.35 11.14
CA ALA A 17 -1.12 -14.67 11.77
C ALA A 17 0.21 -14.90 12.52
N THR A 18 0.18 -15.75 13.54
CA THR A 18 1.35 -16.10 14.33
C THR A 18 1.69 -17.56 14.00
N VAL A 19 2.80 -17.79 13.30
CA VAL A 19 3.15 -19.14 12.86
C VAL A 19 4.21 -19.82 13.72
N TYR A 20 3.93 -21.03 14.17
CA TYR A 20 4.86 -21.84 14.96
C TYR A 20 4.95 -23.27 14.39
N LYS A 21 6.10 -23.93 14.63
CA LYS A 21 6.33 -25.32 14.23
C LYS A 21 5.96 -26.20 15.44
N ALA A 22 5.24 -27.32 15.23
CA ALA A 22 4.77 -28.14 16.34
C ALA A 22 4.65 -29.65 15.99
N ARG A 23 4.47 -30.54 17.00
CA ARG A 23 4.31 -31.98 16.76
C ARG A 23 2.88 -32.41 17.18
N ASP A 24 2.27 -33.34 16.42
CA ASP A 24 0.93 -33.85 16.70
C ASP A 24 0.96 -34.77 17.93
N LYS A 25 -0.03 -34.64 18.83
CA LYS A 25 -0.08 -35.47 20.04
C LYS A 25 -0.87 -36.77 19.88
N ASN A 26 -1.19 -37.19 18.65
CA ASN A 26 -1.93 -38.42 18.39
C ASN A 26 -1.12 -39.42 17.56
N THR A 27 -0.41 -38.93 16.52
CA THR A 27 0.39 -39.77 15.63
C THR A 27 1.83 -39.26 15.42
N ASN A 28 2.30 -38.32 16.27
CA ASN A 28 3.64 -37.73 16.24
C ASN A 28 4.04 -37.16 14.88
N GLN A 29 3.09 -36.60 14.14
CA GLN A 29 3.37 -36.02 12.83
C GLN A 29 3.64 -34.52 12.98
N ILE A 30 4.75 -34.04 12.40
CA ILE A 30 5.11 -32.62 12.50
C ILE A 30 4.18 -31.74 11.68
N VAL A 31 3.46 -30.83 12.35
CA VAL A 31 2.52 -29.91 11.72
C VAL A 31 2.79 -28.45 12.14
N ALA A 32 2.30 -27.49 11.36
CA ALA A 32 2.47 -26.07 11.70
C ALA A 32 1.14 -25.45 12.17
N ILE A 33 1.18 -24.47 13.07
CA ILE A 33 -0.03 -23.86 13.60
C ILE A 33 -0.08 -22.35 13.40
N LYS A 34 -1.24 -21.85 12.93
CA LYS A 34 -1.46 -20.42 12.67
C LYS A 34 -2.45 -19.83 13.68
N LYS A 35 -1.96 -19.21 14.77
CA LYS A 35 -2.84 -18.59 15.76
C LYS A 35 -3.09 -17.12 15.41
N ILE A 36 -4.35 -16.68 15.50
CA ILE A 36 -4.71 -15.30 15.16
C ILE A 36 -4.98 -14.50 16.43
N ASN A 49 -17.21 -19.67 17.63
CA ASN A 49 -17.81 -18.76 16.66
C ASN A 49 -18.59 -19.53 15.58
N ARG A 50 -19.91 -19.28 15.49
CA ARG A 50 -20.80 -19.94 14.53
C ARG A 50 -20.51 -19.58 13.06
N THR A 51 -20.27 -18.29 12.77
CA THR A 51 -19.98 -17.83 11.40
C THR A 51 -18.63 -18.34 10.87
N ALA A 52 -17.68 -18.60 11.76
CA ALA A 52 -16.36 -19.10 11.37
C ALA A 52 -16.44 -20.58 11.01
N LEU A 53 -17.21 -21.36 11.79
CA LEU A 53 -17.39 -22.79 11.58
C LEU A 53 -17.94 -23.11 10.20
N ARG A 54 -18.76 -22.22 9.63
CA ARG A 54 -19.32 -22.41 8.30
C ARG A 54 -18.22 -22.44 7.24
N GLU A 55 -17.19 -21.58 7.39
CA GLU A 55 -16.07 -21.54 6.46
C GLU A 55 -15.04 -22.62 6.77
N ILE A 56 -14.83 -22.90 8.07
CA ILE A 56 -13.85 -23.88 8.54
C ILE A 56 -14.22 -25.31 8.13
N LYS A 57 -15.51 -25.68 8.26
CA LYS A 57 -15.94 -27.02 7.86
C LYS A 57 -15.87 -27.21 6.34
N LEU A 58 -16.07 -26.13 5.57
CA LEU A 58 -15.95 -26.19 4.11
C LEU A 58 -14.48 -26.44 3.74
N LEU A 59 -13.55 -25.75 4.40
CA LEU A 59 -12.11 -25.91 4.15
C LEU A 59 -11.64 -27.30 4.55
N GLN A 60 -12.19 -27.85 5.65
CA GLN A 60 -11.86 -29.21 6.10
C GLN A 60 -12.35 -30.28 5.11
N GLU A 61 -13.46 -30.00 4.40
CA GLU A 61 -14.06 -30.88 3.40
C GLU A 61 -13.28 -30.90 2.08
N LEU A 62 -12.42 -29.90 1.83
CA LEU A 62 -11.63 -29.88 0.61
C LEU A 62 -10.50 -30.89 0.72
N SER A 63 -10.20 -31.59 -0.38
CA SER A 63 -9.14 -32.59 -0.40
C SER A 63 -8.51 -32.71 -1.78
N HIS A 64 -7.27 -32.23 -1.90
CA HIS A 64 -6.50 -32.31 -3.12
C HIS A 64 -5.03 -32.31 -2.74
N PRO A 65 -4.22 -33.18 -3.34
CA PRO A 65 -2.80 -33.22 -2.97
C PRO A 65 -2.02 -31.93 -3.18
N ASN A 66 -2.49 -31.04 -4.05
CA ASN A 66 -1.81 -29.78 -4.32
C ASN A 66 -2.49 -28.56 -3.67
N ILE A 67 -3.25 -28.79 -2.60
CA ILE A 67 -3.95 -27.77 -1.82
C ILE A 67 -3.64 -28.02 -0.34
N ILE A 68 -3.28 -26.98 0.43
CA ILE A 68 -2.98 -27.14 1.87
C ILE A 68 -4.19 -27.71 2.61
N GLY A 69 -3.93 -28.67 3.48
CA GLY A 69 -4.98 -29.34 4.23
C GLY A 69 -5.18 -28.81 5.62
N LEU A 70 -6.45 -28.59 6.00
CA LEU A 70 -6.81 -28.12 7.33
C LEU A 70 -7.16 -29.35 8.17
N LEU A 71 -6.21 -29.78 9.01
CA LEU A 71 -6.34 -31.00 9.81
C LEU A 71 -7.20 -30.83 11.07
N ASP A 72 -6.93 -29.80 11.87
CA ASP A 72 -7.68 -29.55 13.11
C ASP A 72 -7.72 -28.04 13.44
N ALA A 73 -8.60 -27.62 14.38
CA ALA A 73 -8.73 -26.22 14.76
C ALA A 73 -9.11 -26.05 16.25
N PHE A 74 -9.02 -24.81 16.81
CA PHE A 74 -9.34 -24.56 18.22
C PHE A 74 -10.48 -23.54 18.39
N SER A 78 -13.94 -18.96 20.65
CA SER A 78 -12.67 -19.30 21.33
C SER A 78 -11.44 -18.87 20.50
N ASN A 79 -10.23 -18.96 21.09
CA ASN A 79 -8.97 -18.59 20.46
C ASN A 79 -8.77 -19.20 19.07
N ILE A 80 -8.77 -18.35 18.03
CA ILE A 80 -8.64 -18.76 16.63
C ILE A 80 -7.30 -19.41 16.31
N SER A 81 -7.25 -20.75 16.35
CA SER A 81 -6.01 -21.48 16.06
C SER A 81 -6.30 -22.51 14.96
N LEU A 82 -5.50 -22.51 13.88
CA LEU A 82 -5.69 -23.43 12.76
C LEU A 82 -4.45 -24.30 12.53
N VAL A 83 -4.66 -25.60 12.28
CA VAL A 83 -3.56 -26.56 12.08
C VAL A 83 -3.49 -27.12 10.64
N PHE A 84 -2.34 -26.92 9.98
CA PHE A 84 -2.09 -27.38 8.62
C PHE A 84 -0.87 -28.32 8.56
N ASP A 85 -0.63 -28.98 7.41
CA ASP A 85 0.53 -29.84 7.24
C ASP A 85 1.82 -28.97 7.25
N PHE A 86 2.95 -29.52 7.71
CA PHE A 86 4.21 -28.75 7.73
C PHE A 86 4.92 -28.80 6.38
N MET A 87 5.42 -27.64 5.93
CA MET A 87 6.13 -27.52 4.66
C MET A 87 7.56 -27.00 4.90
N GLU A 88 8.56 -27.46 4.13
CA GLU A 88 9.95 -26.99 4.29
C GLU A 88 10.13 -25.52 3.86
N THR A 89 9.82 -25.21 2.57
CA THR A 89 9.95 -23.87 1.98
C THR A 89 8.72 -23.58 1.05
N ASP A 90 8.76 -22.46 0.30
CA ASP A 90 7.82 -22.00 -0.70
C ASP A 90 8.59 -21.77 -2.01
N LEU A 91 7.89 -21.45 -3.10
CA LEU A 91 8.51 -21.21 -4.39
C LEU A 91 9.35 -19.92 -4.40
N GLU A 92 9.13 -18.99 -3.44
CA GLU A 92 9.90 -17.75 -3.40
C GLU A 92 11.35 -18.01 -2.93
N VAL A 93 11.50 -18.89 -1.92
CA VAL A 93 12.81 -19.27 -1.40
C VAL A 93 13.62 -19.96 -2.50
N ILE A 94 12.96 -20.86 -3.25
CA ILE A 94 13.59 -21.58 -4.36
C ILE A 94 14.05 -20.62 -5.46
N ILE A 95 13.17 -19.69 -5.87
CA ILE A 95 13.46 -18.72 -6.92
C ILE A 95 14.65 -17.83 -6.54
N LYS A 96 14.72 -17.41 -5.27
CA LYS A 96 15.80 -16.54 -4.81
C LYS A 96 17.13 -17.26 -4.53
N ASP A 97 17.12 -18.60 -4.46
CA ASP A 97 18.33 -19.37 -4.19
C ASP A 97 19.25 -19.43 -5.42
N ASN A 98 20.34 -18.64 -5.42
CA ASN A 98 21.32 -18.61 -6.53
C ASN A 98 21.97 -19.96 -6.76
N SER A 99 22.17 -20.74 -5.69
CA SER A 99 22.78 -22.07 -5.79
C SER A 99 21.87 -23.10 -6.48
N LEU A 100 20.56 -22.83 -6.58
CA LEU A 100 19.62 -23.74 -7.21
C LEU A 100 19.54 -23.51 -8.72
N VAL A 101 19.34 -24.58 -9.50
CA VAL A 101 19.27 -24.49 -10.95
C VAL A 101 17.90 -25.01 -11.37
N LEU A 102 17.09 -24.15 -12.01
CA LEU A 102 15.77 -24.57 -12.43
C LEU A 102 15.76 -25.03 -13.87
N THR A 103 15.78 -26.35 -14.07
CA THR A 103 15.76 -26.91 -15.41
C THR A 103 14.34 -26.87 -15.97
N PRO A 104 14.14 -27.02 -17.29
CA PRO A 104 12.78 -27.00 -17.85
C PRO A 104 11.84 -28.00 -17.17
N SER A 105 12.36 -29.19 -16.82
CA SER A 105 11.60 -30.24 -16.15
C SER A 105 11.18 -29.82 -14.73
N HIS A 106 12.02 -29.04 -14.05
CA HIS A 106 11.70 -28.54 -12.70
C HIS A 106 10.54 -27.55 -12.83
N ILE A 107 10.64 -26.57 -13.75
CA ILE A 107 9.58 -25.58 -13.97
C ILE A 107 8.26 -26.26 -14.32
N LYS A 108 8.28 -27.20 -15.27
CA LYS A 108 7.07 -27.94 -15.66
C LYS A 108 6.41 -28.66 -14.47
N ALA A 109 7.21 -29.20 -13.54
CA ALA A 109 6.67 -29.86 -12.36
C ALA A 109 5.94 -28.87 -11.45
N TYR A 110 6.56 -27.71 -11.16
CA TYR A 110 5.94 -26.69 -10.32
C TYR A 110 4.66 -26.17 -10.96
N MET A 111 4.68 -25.96 -12.29
CA MET A 111 3.51 -25.49 -13.00
C MET A 111 2.37 -26.50 -13.01
N LEU A 112 2.68 -27.78 -13.23
CA LEU A 112 1.69 -28.85 -13.23
C LEU A 112 0.97 -28.94 -11.89
N MET A 113 1.73 -28.91 -10.79
CA MET A 113 1.14 -28.97 -9.47
C MET A 113 0.30 -27.72 -9.15
N THR A 114 0.84 -26.50 -9.42
CA THR A 114 0.12 -25.24 -9.20
C THR A 114 -1.24 -25.25 -9.93
N LEU A 115 -1.23 -25.60 -11.22
CA LEU A 115 -2.43 -25.65 -12.06
C LEU A 115 -3.40 -26.74 -11.66
N GLN A 116 -2.90 -27.88 -11.16
CA GLN A 116 -3.78 -28.95 -10.70
C GLN A 116 -4.51 -28.52 -9.42
N GLY A 117 -3.82 -27.82 -8.52
CA GLY A 117 -4.41 -27.31 -7.30
C GLY A 117 -5.41 -26.20 -7.58
N LEU A 118 -5.08 -25.28 -8.49
CA LEU A 118 -5.97 -24.17 -8.88
C LEU A 118 -7.23 -24.70 -9.54
N GLU A 119 -7.10 -25.73 -10.38
CA GLU A 119 -8.24 -26.32 -11.06
C GLU A 119 -9.23 -26.90 -10.05
N TYR A 120 -8.73 -27.51 -8.97
CA TYR A 120 -9.57 -28.07 -7.93
C TYR A 120 -10.37 -26.95 -7.27
N LEU A 121 -9.68 -25.84 -6.90
CA LEU A 121 -10.33 -24.70 -6.27
C LEU A 121 -11.39 -24.12 -7.18
N HIS A 122 -11.06 -23.86 -8.45
CA HIS A 122 -12.01 -23.27 -9.40
C HIS A 122 -13.20 -24.20 -9.63
N GLN A 123 -12.97 -25.53 -9.64
CA GLN A 123 -14.06 -26.49 -9.77
C GLN A 123 -15.00 -26.41 -8.57
N HIS A 124 -14.47 -26.13 -7.38
CA HIS A 124 -15.28 -25.97 -6.18
C HIS A 124 -15.70 -24.52 -5.89
N TRP A 125 -15.64 -23.66 -6.91
CA TRP A 125 -16.02 -22.25 -6.87
C TRP A 125 -15.31 -21.45 -5.79
N ILE A 126 -13.98 -21.60 -5.74
CA ILE A 126 -13.13 -20.88 -4.80
C ILE A 126 -12.02 -20.21 -5.58
N LEU A 127 -11.85 -18.89 -5.44
CA LEU A 127 -10.75 -18.18 -6.08
C LEU A 127 -9.64 -18.09 -5.03
N HIS A 128 -8.39 -18.18 -5.46
CA HIS A 128 -7.28 -18.01 -4.53
C HIS A 128 -7.19 -16.52 -4.13
N ARG A 129 -7.24 -15.60 -5.12
CA ARG A 129 -7.24 -14.15 -4.93
C ARG A 129 -5.89 -13.55 -4.50
N ASP A 130 -4.90 -14.39 -4.15
CA ASP A 130 -3.61 -13.90 -3.68
C ASP A 130 -2.46 -14.79 -4.13
N LEU A 131 -2.50 -15.28 -5.38
CA LEU A 131 -1.43 -16.13 -5.89
C LEU A 131 -0.14 -15.36 -6.07
N LYS A 132 0.92 -15.86 -5.46
CA LYS A 132 2.30 -15.37 -5.55
C LYS A 132 3.26 -16.48 -5.09
N PRO A 133 4.58 -16.42 -5.40
CA PRO A 133 5.47 -17.54 -5.07
C PRO A 133 5.45 -18.01 -3.61
N ASN A 134 5.43 -17.07 -2.64
CA ASN A 134 5.43 -17.44 -1.23
C ASN A 134 4.13 -18.12 -0.75
N ASN A 135 3.12 -18.25 -1.62
CA ASN A 135 1.88 -18.95 -1.31
C ASN A 135 1.82 -20.35 -1.94
N LEU A 136 2.88 -20.77 -2.64
CA LEU A 136 2.99 -22.10 -3.24
C LEU A 136 4.05 -22.78 -2.40
N LEU A 137 3.64 -23.54 -1.37
CA LEU A 137 4.54 -24.18 -0.42
C LEU A 137 4.98 -25.58 -0.86
N LEU A 138 6.15 -26.03 -0.38
CA LEU A 138 6.67 -27.35 -0.74
C LEU A 138 7.03 -28.19 0.46
N ASP A 139 6.72 -29.51 0.43
CA ASP A 139 7.06 -30.40 1.54
C ASP A 139 8.39 -31.15 1.26
N GLU A 140 8.85 -32.01 2.20
CA GLU A 140 10.10 -32.78 2.08
C GLU A 140 10.12 -33.76 0.89
N ASN A 141 8.94 -34.16 0.41
CA ASN A 141 8.81 -35.08 -0.75
C ASN A 141 8.60 -34.36 -2.09
N GLY A 142 8.80 -33.04 -2.12
CA GLY A 142 8.63 -32.23 -3.32
C GLY A 142 7.20 -32.09 -3.82
N VAL A 143 6.24 -31.93 -2.89
CA VAL A 143 4.84 -31.75 -3.27
C VAL A 143 4.44 -30.30 -3.03
N LEU A 144 4.00 -29.61 -4.08
CA LEU A 144 3.57 -28.22 -4.01
C LEU A 144 2.13 -28.18 -3.55
N LYS A 145 1.82 -27.28 -2.61
CA LYS A 145 0.47 -27.10 -2.09
C LYS A 145 0.14 -25.59 -2.02
N LEU A 146 -1.03 -25.17 -2.55
CA LEU A 146 -1.41 -23.75 -2.50
C LEU A 146 -1.87 -23.42 -1.08
N ALA A 147 -1.56 -22.21 -0.60
CA ALA A 147 -1.97 -21.78 0.74
C ALA A 147 -2.46 -20.31 0.76
N ASP A 148 -3.23 -19.92 1.80
CA ASP A 148 -3.74 -18.55 1.99
C ASP A 148 -4.91 -18.17 1.06
N PHE A 149 -6.04 -18.92 1.13
CA PHE A 149 -7.19 -18.60 0.29
C PHE A 149 -8.55 -18.61 1.00
N GLY A 150 -8.60 -19.04 2.25
CA GLY A 150 -9.85 -19.10 3.00
C GLY A 150 -10.17 -17.90 3.87
N LEU A 151 -11.28 -17.19 3.53
CA LEU A 151 -11.87 -16.00 4.18
C LEU A 151 -10.90 -15.04 4.89
N ALA A 152 -11.00 -13.73 4.57
CA ALA A 152 -10.18 -12.71 5.21
C ALA A 152 -10.79 -12.39 6.59
N LYS A 153 -10.15 -12.88 7.67
CA LYS A 153 -10.66 -12.64 9.02
C LYS A 153 -9.92 -11.50 9.71
N VAL A 167 3.57 -5.40 -2.61
CA VAL A 167 4.26 -6.61 -3.09
C VAL A 167 3.34 -7.43 -4.01
N THR A 168 2.05 -7.52 -3.62
CA THR A 168 1.02 -8.27 -4.35
C THR A 168 0.61 -7.58 -5.67
N ARG A 169 0.96 -6.29 -5.84
CA ARG A 169 0.67 -5.51 -7.03
C ARG A 169 1.37 -6.09 -8.27
N TRP A 170 2.54 -6.70 -8.12
CA TRP A 170 3.30 -7.29 -9.22
C TRP A 170 2.57 -8.45 -9.91
N TYR A 171 1.72 -9.15 -9.17
CA TYR A 171 0.96 -10.30 -9.67
C TYR A 171 -0.52 -9.94 -10.00
N ARG A 172 -0.89 -8.66 -9.85
CA ARG A 172 -2.24 -8.16 -10.07
C ARG A 172 -2.61 -8.03 -11.53
N ALA A 173 -3.77 -8.58 -11.93
CA ALA A 173 -4.27 -8.53 -13.29
C ALA A 173 -4.66 -7.11 -13.73
N PRO A 174 -4.59 -6.77 -15.04
CA PRO A 174 -4.94 -5.40 -15.46
C PRO A 174 -6.38 -4.96 -15.17
N GLU A 175 -7.33 -5.89 -15.13
CA GLU A 175 -8.71 -5.54 -14.80
C GLU A 175 -8.82 -5.05 -13.35
N LEU A 176 -8.01 -5.60 -12.44
CA LEU A 176 -8.01 -5.17 -11.04
C LEU A 176 -7.36 -3.80 -10.92
N LEU A 177 -6.25 -3.58 -11.63
CA LEU A 177 -5.56 -2.30 -11.65
C LEU A 177 -6.44 -1.19 -12.22
N PHE A 178 -7.38 -1.53 -13.12
CA PHE A 178 -8.35 -0.54 -13.62
C PHE A 178 -9.62 -0.46 -12.74
N GLY A 179 -9.52 -0.90 -11.48
CA GLY A 179 -10.59 -0.81 -10.50
C GLY A 179 -11.80 -1.72 -10.61
N ALA A 180 -11.73 -2.85 -11.36
CA ALA A 180 -12.88 -3.76 -11.45
C ALA A 180 -13.29 -4.29 -10.07
N ARG A 181 -14.58 -4.17 -9.76
CA ARG A 181 -15.12 -4.63 -8.47
C ARG A 181 -15.62 -6.09 -8.58
N MET A 182 -16.05 -6.53 -9.78
CA MET A 182 -16.50 -7.91 -10.07
C MET A 182 -15.44 -8.56 -10.93
N TYR A 183 -14.88 -9.68 -10.49
CA TYR A 183 -13.82 -10.37 -11.22
C TYR A 183 -13.91 -11.91 -11.06
N GLY A 184 -13.15 -12.67 -11.85
CA GLY A 184 -13.19 -14.12 -11.82
C GLY A 184 -11.86 -14.85 -11.85
N VAL A 185 -11.84 -16.04 -12.47
CA VAL A 185 -10.67 -16.90 -12.56
C VAL A 185 -9.46 -16.25 -13.22
N GLY A 186 -9.69 -15.29 -14.12
CA GLY A 186 -8.62 -14.60 -14.82
C GLY A 186 -7.64 -13.89 -13.90
N VAL A 187 -8.10 -13.49 -12.73
CA VAL A 187 -7.30 -12.85 -11.70
C VAL A 187 -6.25 -13.84 -11.19
N ASP A 188 -6.62 -15.11 -10.98
CA ASP A 188 -5.68 -16.13 -10.54
C ASP A 188 -4.79 -16.57 -11.69
N MET A 189 -5.35 -16.67 -12.91
CA MET A 189 -4.62 -17.12 -14.09
C MET A 189 -3.53 -16.16 -14.48
N TRP A 190 -3.77 -14.85 -14.34
CA TRP A 190 -2.77 -13.82 -14.64
C TRP A 190 -1.61 -13.98 -13.67
N ALA A 191 -1.90 -14.18 -12.38
CA ALA A 191 -0.88 -14.39 -11.36
C ALA A 191 -0.05 -15.63 -11.65
N VAL A 192 -0.66 -16.69 -12.21
CA VAL A 192 0.04 -17.92 -12.58
C VAL A 192 1.06 -17.66 -13.70
N GLY A 193 0.70 -16.81 -14.67
CA GLY A 193 1.61 -16.41 -15.73
C GLY A 193 2.80 -15.64 -15.17
N CYS A 194 2.58 -14.82 -14.14
CA CYS A 194 3.61 -14.03 -13.47
C CYS A 194 4.57 -14.94 -12.71
N ILE A 195 4.05 -16.01 -12.09
CA ILE A 195 4.86 -16.97 -11.35
C ILE A 195 5.72 -17.76 -12.36
N LEU A 196 5.11 -18.20 -13.49
CA LEU A 196 5.80 -18.88 -14.57
C LEU A 196 6.94 -18.02 -15.11
N ALA A 197 6.67 -16.73 -15.32
CA ALA A 197 7.70 -15.79 -15.80
C ALA A 197 8.82 -15.59 -14.78
N GLU A 198 8.51 -15.68 -13.48
CA GLU A 198 9.50 -15.55 -12.42
C GLU A 198 10.37 -16.80 -12.32
N LEU A 199 9.81 -17.98 -12.61
CA LEU A 199 10.59 -19.21 -12.62
C LEU A 199 11.58 -19.16 -13.80
N LEU A 200 11.15 -18.60 -14.95
CA LEU A 200 12.00 -18.51 -16.13
C LEU A 200 13.06 -17.41 -16.02
N LEU A 201 12.71 -16.24 -15.48
CA LEU A 201 13.66 -15.12 -15.40
C LEU A 201 14.45 -15.05 -14.09
N ARG A 202 13.95 -15.71 -13.02
CA ARG A 202 14.51 -15.70 -11.67
C ARG A 202 14.41 -14.34 -10.95
N VAL A 203 13.65 -13.40 -11.53
CA VAL A 203 13.35 -12.08 -10.99
C VAL A 203 11.86 -11.78 -11.30
N PRO A 204 11.19 -10.92 -10.50
CA PRO A 204 9.78 -10.60 -10.80
C PRO A 204 9.60 -10.05 -12.21
N PHE A 205 8.60 -10.57 -12.93
CA PHE A 205 8.31 -10.18 -14.31
C PHE A 205 7.97 -8.70 -14.49
N LEU A 206 7.03 -8.19 -13.70
CA LEU A 206 6.59 -6.80 -13.84
C LEU A 206 6.64 -6.12 -12.46
N PRO A 207 7.83 -5.61 -12.06
CA PRO A 207 7.95 -5.03 -10.72
C PRO A 207 7.57 -3.54 -10.65
N GLY A 208 6.29 -3.24 -10.76
CA GLY A 208 5.81 -1.88 -10.69
C GLY A 208 6.01 -1.23 -9.33
N ASP A 209 6.36 0.06 -9.38
CA ASP A 209 6.63 0.93 -8.24
C ASP A 209 5.36 1.57 -7.64
N SER A 210 4.19 1.33 -8.26
CA SER A 210 2.89 1.93 -7.90
C SER A 210 1.82 1.28 -8.78
N ASP A 211 0.52 1.46 -8.46
CA ASP A 211 -0.54 0.88 -9.29
C ASP A 211 -0.51 1.44 -10.72
N LEU A 212 -0.09 2.69 -10.89
CA LEU A 212 0.01 3.30 -12.21
C LEU A 212 1.23 2.75 -12.96
N ASP A 213 2.37 2.62 -12.26
CA ASP A 213 3.57 2.07 -12.87
C ASP A 213 3.40 0.58 -13.19
N GLN A 214 2.57 -0.14 -12.44
CA GLN A 214 2.30 -1.54 -12.72
C GLN A 214 1.59 -1.67 -14.07
N LEU A 215 0.60 -0.82 -14.35
CA LEU A 215 -0.10 -0.80 -15.64
C LEU A 215 0.86 -0.39 -16.76
N THR A 216 1.76 0.58 -16.52
CA THR A 216 2.75 0.99 -17.51
C THR A 216 3.66 -0.17 -17.87
N ARG A 217 4.17 -0.92 -16.87
CA ARG A 217 5.05 -2.05 -17.13
C ARG A 217 4.33 -3.16 -17.89
N ILE A 218 3.03 -3.37 -17.62
CA ILE A 218 2.25 -4.39 -18.31
C ILE A 218 2.12 -4.03 -19.77
N PHE A 219 1.78 -2.78 -20.07
CA PHE A 219 1.58 -2.30 -21.44
C PHE A 219 2.88 -2.14 -22.22
N GLU A 220 3.97 -1.70 -21.59
CA GLU A 220 5.26 -1.58 -22.29
C GLU A 220 5.75 -2.97 -22.70
N THR A 221 5.53 -4.00 -21.85
CA THR A 221 5.97 -5.37 -22.07
C THR A 221 5.05 -6.15 -23.02
N LEU A 222 3.75 -6.18 -22.76
CA LEU A 222 2.81 -6.97 -23.55
C LEU A 222 2.08 -6.20 -24.66
N GLY A 223 2.26 -4.89 -24.72
CA GLY A 223 1.60 -4.03 -25.70
C GLY A 223 0.34 -3.41 -25.14
N THR A 224 -0.09 -2.25 -25.67
CA THR A 224 -1.32 -1.63 -25.20
C THR A 224 -2.49 -2.34 -25.91
N PRO A 225 -3.48 -2.85 -25.15
CA PRO A 225 -4.59 -3.57 -25.80
C PRO A 225 -5.51 -2.65 -26.59
N THR A 226 -6.10 -3.20 -27.65
CA THR A 226 -7.05 -2.47 -28.50
C THR A 226 -8.49 -2.86 -28.07
N GLU A 227 -9.52 -2.19 -28.63
CA GLU A 227 -10.91 -2.57 -28.33
C GLU A 227 -11.23 -3.99 -28.87
N GLU A 228 -10.41 -4.51 -29.80
CA GLU A 228 -10.53 -5.85 -30.36
C GLU A 228 -9.95 -6.86 -29.37
N GLN A 229 -8.74 -6.60 -28.83
CA GLN A 229 -8.06 -7.48 -27.85
C GLN A 229 -8.83 -7.53 -26.54
N TRP A 230 -9.34 -6.38 -26.10
CA TRP A 230 -10.08 -6.28 -24.85
C TRP A 230 -11.33 -5.44 -25.02
N PRO A 231 -12.43 -6.04 -25.50
CA PRO A 231 -13.68 -5.29 -25.59
C PRO A 231 -14.24 -5.06 -24.18
N ASP A 232 -14.85 -3.90 -23.95
CA ASP A 232 -15.38 -3.51 -22.64
C ASP A 232 -14.30 -3.00 -21.65
N MET A 233 -13.06 -2.80 -22.13
CA MET A 233 -11.98 -2.27 -21.32
C MET A 233 -12.30 -0.82 -20.90
N CYS A 234 -12.89 -0.04 -21.81
CA CYS A 234 -13.22 1.36 -21.58
C CYS A 234 -14.30 1.58 -20.52
N SER A 235 -15.10 0.55 -20.22
CA SER A 235 -16.16 0.67 -19.23
C SER A 235 -15.69 0.35 -17.80
N LEU A 236 -14.40 0.01 -17.61
CA LEU A 236 -13.85 -0.27 -16.28
C LEU A 236 -13.88 0.99 -15.42
N PRO A 237 -14.11 0.85 -14.10
CA PRO A 237 -14.24 2.05 -13.25
C PRO A 237 -13.08 3.03 -13.32
N ASP A 238 -11.84 2.56 -13.21
CA ASP A 238 -10.67 3.44 -13.25
C ASP A 238 -9.96 3.42 -14.61
N TYR A 239 -10.69 3.17 -15.72
CA TYR A 239 -10.08 3.17 -17.05
C TYR A 239 -9.48 4.54 -17.42
N VAL A 240 -8.26 4.50 -17.94
CA VAL A 240 -7.57 5.69 -18.41
C VAL A 240 -6.79 5.35 -19.69
N THR A 241 -6.59 6.34 -20.56
CA THR A 241 -5.91 6.11 -21.83
C THR A 241 -4.39 6.25 -21.67
N PHE A 242 -3.69 5.11 -21.87
CA PHE A 242 -2.24 5.03 -21.80
C PHE A 242 -1.60 5.27 -23.18
N LYS A 243 -0.30 5.58 -23.22
CA LYS A 243 0.41 5.76 -24.49
C LYS A 243 0.45 4.40 -25.23
N SER A 244 0.37 4.42 -26.57
CA SER A 244 0.34 3.18 -27.33
C SER A 244 1.73 2.56 -27.42
N PHE A 245 1.90 1.38 -26.80
CA PHE A 245 3.16 0.66 -26.80
C PHE A 245 3.03 -0.56 -27.68
N PRO A 246 4.06 -0.87 -28.48
CA PRO A 246 3.98 -2.06 -29.34
C PRO A 246 4.16 -3.37 -28.57
N GLY A 247 4.94 -3.34 -27.50
CA GLY A 247 5.22 -4.53 -26.71
C GLY A 247 6.43 -5.26 -27.22
N ILE A 248 7.02 -6.10 -26.39
CA ILE A 248 8.21 -6.87 -26.74
C ILE A 248 7.75 -8.29 -27.06
N PRO A 249 8.13 -8.87 -28.22
CA PRO A 249 7.70 -10.25 -28.53
C PRO A 249 8.08 -11.22 -27.43
N LEU A 250 7.15 -12.11 -27.04
CA LEU A 250 7.37 -13.08 -25.97
C LEU A 250 8.62 -13.91 -26.19
N HIS A 251 8.95 -14.24 -27.45
CA HIS A 251 10.15 -15.02 -27.74
C HIS A 251 11.44 -14.26 -27.38
N HIS A 252 11.43 -12.91 -27.44
CA HIS A 252 12.61 -12.14 -27.06
CA HIS A 252 12.59 -12.10 -27.07
C HIS A 252 12.72 -12.07 -25.53
N ILE A 253 11.58 -11.94 -24.83
CA ILE A 253 11.56 -11.89 -23.37
C ILE A 253 12.06 -13.21 -22.79
N PHE A 254 11.45 -14.33 -23.21
CA PHE A 254 11.79 -15.66 -22.71
C PHE A 254 12.63 -16.42 -23.74
N SER A 255 13.89 -16.00 -23.89
CA SER A 255 14.78 -16.57 -24.87
C SER A 255 15.05 -18.07 -24.73
N ALA A 256 14.87 -18.66 -23.54
CA ALA A 256 15.11 -20.10 -23.38
C ALA A 256 13.84 -20.95 -23.47
N ALA A 257 12.72 -20.37 -23.89
CA ALA A 257 11.46 -21.07 -23.97
C ALA A 257 11.13 -21.56 -25.36
N GLY A 258 10.58 -22.77 -25.45
CA GLY A 258 10.13 -23.31 -26.72
C GLY A 258 8.76 -22.81 -27.09
N ASP A 259 8.32 -23.10 -28.31
CA ASP A 259 7.01 -22.68 -28.81
C ASP A 259 5.84 -23.14 -27.96
N ASP A 260 5.92 -24.33 -27.36
CA ASP A 260 4.85 -24.84 -26.51
C ASP A 260 4.72 -24.03 -25.22
N LEU A 261 5.85 -23.58 -24.66
CA LEU A 261 5.87 -22.78 -23.45
C LEU A 261 5.41 -21.35 -23.76
N LEU A 262 5.83 -20.81 -24.91
CA LEU A 262 5.40 -19.48 -25.33
C LEU A 262 3.89 -19.44 -25.52
N ASP A 263 3.27 -20.52 -25.99
CA ASP A 263 1.82 -20.57 -26.17
C ASP A 263 1.13 -20.54 -24.80
N LEU A 264 1.70 -21.27 -23.80
CA LEU A 264 1.16 -21.29 -22.45
C LEU A 264 1.19 -19.88 -21.85
N ILE A 265 2.34 -19.18 -21.98
CA ILE A 265 2.53 -17.82 -21.48
C ILE A 265 1.57 -16.88 -22.18
N GLN A 266 1.42 -16.96 -23.50
CA GLN A 266 0.49 -16.09 -24.24
C GLN A 266 -0.98 -16.25 -23.78
N GLY A 267 -1.41 -17.47 -23.50
CA GLY A 267 -2.77 -17.72 -23.03
C GLY A 267 -3.02 -17.17 -21.64
N LEU A 268 -1.99 -17.22 -20.78
CA LEU A 268 -2.09 -16.72 -19.41
C LEU A 268 -2.10 -15.17 -19.35
N PHE A 269 -1.54 -14.50 -20.37
CA PHE A 269 -1.46 -13.05 -20.37
C PHE A 269 -2.38 -12.36 -21.35
N LEU A 270 -3.45 -13.03 -21.81
CA LEU A 270 -4.41 -12.37 -22.70
C LEU A 270 -5.12 -11.26 -21.92
N PHE A 271 -5.27 -10.08 -22.51
CA PHE A 271 -5.88 -8.96 -21.82
C PHE A 271 -7.33 -9.18 -21.45
N ASN A 272 -8.16 -9.72 -22.36
CA ASN A 272 -9.57 -9.98 -22.10
C ASN A 272 -9.70 -11.06 -21.03
N PRO A 273 -10.23 -10.71 -19.84
CA PRO A 273 -10.35 -11.71 -18.76
C PRO A 273 -11.16 -12.95 -19.13
N CYS A 274 -12.11 -12.81 -20.06
CA CYS A 274 -12.94 -13.92 -20.52
C CYS A 274 -12.21 -14.82 -21.51
N ALA A 275 -11.26 -14.25 -22.29
CA ALA A 275 -10.47 -15.00 -23.27
C ALA A 275 -9.28 -15.68 -22.64
N ARG A 276 -8.77 -15.15 -21.51
CA ARG A 276 -7.62 -15.70 -20.79
C ARG A 276 -7.82 -17.19 -20.49
N ILE A 277 -6.79 -17.98 -20.66
CA ILE A 277 -6.85 -19.42 -20.48
C ILE A 277 -7.26 -19.83 -19.07
N THR A 278 -8.12 -20.84 -18.95
CA THR A 278 -8.54 -21.36 -17.64
C THR A 278 -7.51 -22.42 -17.15
N ALA A 279 -7.61 -22.88 -15.90
CA ALA A 279 -6.67 -23.89 -15.39
C ALA A 279 -6.86 -25.22 -16.11
N THR A 280 -8.09 -25.56 -16.51
CA THR A 280 -8.34 -26.81 -17.23
C THR A 280 -7.79 -26.71 -18.66
N GLN A 281 -7.99 -25.56 -19.31
CA GLN A 281 -7.48 -25.32 -20.65
C GLN A 281 -5.95 -25.37 -20.64
N ALA A 282 -5.30 -24.77 -19.62
CA ALA A 282 -3.85 -24.75 -19.48
C ALA A 282 -3.27 -26.14 -19.30
N LEU A 283 -3.94 -26.99 -18.50
CA LEU A 283 -3.45 -28.35 -18.27
C LEU A 283 -3.52 -29.21 -19.53
N LYS A 284 -4.39 -28.88 -20.48
CA LYS A 284 -4.51 -29.62 -21.75
C LYS A 284 -3.57 -29.11 -22.84
N MET A 285 -2.77 -28.05 -22.58
CA MET A 285 -1.84 -27.50 -23.58
C MET A 285 -0.78 -28.56 -23.91
N LYS A 286 -0.25 -28.54 -25.15
CA LYS A 286 0.78 -29.49 -25.56
C LYS A 286 2.02 -29.42 -24.68
N TYR A 287 2.30 -28.26 -24.06
CA TYR A 287 3.42 -28.08 -23.14
C TYR A 287 3.52 -29.19 -22.08
N PHE A 288 2.40 -29.54 -21.44
CA PHE A 288 2.36 -30.54 -20.36
C PHE A 288 2.48 -31.99 -20.87
N SER A 289 2.16 -32.23 -22.14
CA SER A 289 2.28 -33.57 -22.72
C SER A 289 3.57 -33.76 -23.54
N ASN A 290 4.33 -32.68 -23.78
CA ASN A 290 5.56 -32.74 -24.54
C ASN A 290 6.77 -33.10 -23.69
N ARG A 291 7.84 -33.55 -24.36
CA ARG A 291 9.08 -33.84 -23.67
C ARG A 291 9.89 -32.53 -23.51
N PRO A 292 10.64 -32.42 -22.41
CA PRO A 292 10.79 -33.40 -21.32
C PRO A 292 9.61 -33.37 -20.34
N GLY A 293 9.43 -34.43 -19.57
CA GLY A 293 8.36 -34.49 -18.58
C GLY A 293 8.73 -33.79 -17.29
N PRO A 294 7.77 -33.63 -16.37
CA PRO A 294 8.09 -32.95 -15.10
C PRO A 294 8.98 -33.77 -14.18
N THR A 295 9.86 -33.09 -13.46
CA THR A 295 10.76 -33.71 -12.49
C THR A 295 9.93 -34.31 -11.37
N PRO A 296 10.20 -35.58 -10.98
CA PRO A 296 9.46 -36.16 -9.85
C PRO A 296 9.75 -35.39 -8.55
N GLY A 297 8.79 -35.38 -7.64
CA GLY A 297 8.91 -34.66 -6.37
C GLY A 297 10.20 -34.83 -5.62
N CYS A 298 10.63 -36.08 -5.45
CA CYS A 298 11.86 -36.42 -4.73
C CYS A 298 13.13 -35.85 -5.37
N GLN A 299 13.08 -35.55 -6.67
CA GLN A 299 14.24 -35.00 -7.37
C GLN A 299 14.18 -33.48 -7.58
N LEU A 300 13.16 -32.80 -7.03
CA LEU A 300 13.07 -31.36 -7.14
C LEU A 300 14.06 -30.70 -6.17
N PRO A 301 14.75 -29.63 -6.62
CA PRO A 301 15.75 -28.99 -5.76
C PRO A 301 15.25 -28.45 -4.43
N ARG A 302 15.99 -28.76 -3.36
CA ARG A 302 15.68 -28.34 -1.99
C ARG A 302 16.78 -27.40 -1.48
N PRO A 303 16.42 -26.31 -0.77
CA PRO A 303 17.44 -25.36 -0.31
C PRO A 303 18.41 -25.90 0.75
N PRO B 2 16.33 2.85 29.39
CA PRO B 2 16.64 3.85 30.42
C PRO B 2 15.61 3.98 31.51
N LYS B 3 16.03 3.60 32.73
CA LYS B 3 15.25 3.66 33.97
C LYS B 3 14.72 5.08 34.29
N ARG B 4 15.10 6.10 33.48
CA ARG B 4 14.65 7.48 33.57
C ARG B 4 13.18 7.61 33.14
N TYR B 5 12.74 6.75 32.20
CA TYR B 5 11.38 6.75 31.70
C TYR B 5 10.55 5.54 32.16
N GLU B 6 9.40 5.83 32.80
CA GLU B 6 8.44 4.86 33.36
C GLU B 6 7.23 4.65 32.41
N LYS B 7 7.15 3.48 31.76
CA LYS B 7 6.08 3.12 30.81
C LYS B 7 4.70 3.12 31.48
N LEU B 8 3.84 4.06 31.10
CA LEU B 8 2.52 4.23 31.71
C LEU B 8 1.33 3.68 30.96
N ASP B 9 1.32 3.71 29.64
CA ASP B 9 0.19 3.24 28.84
C ASP B 9 0.64 2.87 27.43
N PHE B 10 -0.19 2.13 26.69
CA PHE B 10 0.13 1.79 25.31
C PHE B 10 -0.77 2.70 24.50
N LEU B 11 -0.18 3.59 23.71
CA LEU B 11 -0.95 4.54 22.94
C LEU B 11 -1.55 3.95 21.66
N GLY B 12 -0.73 3.24 20.91
CA GLY B 12 -1.20 2.65 19.66
C GLY B 12 -0.10 1.98 18.88
N GLU B 13 -0.50 1.08 17.99
CA GLU B 13 0.44 0.31 17.20
C GLU B 13 0.48 0.80 15.74
N GLY B 14 1.48 0.32 15.04
CA GLY B 14 1.71 0.58 13.63
C GLY B 14 2.69 -0.44 13.10
N GLN B 15 2.57 -0.80 11.82
CA GLN B 15 3.52 -1.72 11.17
C GLN B 15 4.96 -1.07 11.09
N PHE B 16 5.02 0.27 11.28
CA PHE B 16 6.19 1.14 11.34
C PHE B 16 6.80 1.22 12.77
N ALA B 17 6.01 1.65 13.78
CA ALA B 17 6.49 1.81 15.16
C ALA B 17 5.37 1.66 16.21
N THR B 18 5.76 1.34 17.46
CA THR B 18 4.85 1.19 18.60
C THR B 18 4.97 2.41 19.54
N VAL B 19 3.85 3.11 19.81
CA VAL B 19 3.88 4.31 20.65
C VAL B 19 3.29 4.02 22.03
N TYR B 20 3.93 4.53 23.08
CA TYR B 20 3.41 4.38 24.44
C TYR B 20 3.63 5.64 25.30
N LYS B 21 2.71 5.88 26.25
CA LYS B 21 2.81 7.01 27.17
C LYS B 21 3.81 6.66 28.27
N ALA B 22 4.60 7.63 28.76
CA ALA B 22 5.63 7.38 29.76
C ALA B 22 5.88 8.57 30.70
N ARG B 23 6.62 8.37 31.82
CA ARG B 23 6.92 9.41 32.81
C ARG B 23 8.42 9.79 32.87
N ASP B 24 8.70 11.10 32.83
CA ASP B 24 10.04 11.69 32.95
C ASP B 24 10.28 11.91 34.44
N LYS B 25 11.01 10.99 35.05
CA LYS B 25 11.28 11.01 36.47
C LYS B 25 11.95 12.32 37.00
N ASN B 26 12.59 13.12 36.12
CA ASN B 26 13.32 14.33 36.55
C ASN B 26 12.45 15.57 36.70
N THR B 27 11.51 15.78 35.77
CA THR B 27 10.62 16.95 35.85
C THR B 27 9.16 16.58 36.12
N ASN B 28 8.86 15.27 36.31
CA ASN B 28 7.52 14.71 36.51
C ASN B 28 6.72 15.02 35.27
N GLN B 29 7.29 14.69 34.10
CA GLN B 29 6.65 15.02 32.84
C GLN B 29 6.10 13.82 32.10
N ILE B 30 4.99 14.01 31.38
CA ILE B 30 4.41 12.96 30.57
C ILE B 30 4.94 13.11 29.18
N VAL B 31 5.60 12.07 28.69
CA VAL B 31 6.20 12.06 27.37
C VAL B 31 5.56 10.96 26.52
N ALA B 32 5.77 11.03 25.21
CA ALA B 32 5.30 10.00 24.29
C ALA B 32 6.54 9.34 23.74
N ILE B 33 6.69 8.03 23.94
CA ILE B 33 7.85 7.31 23.45
C ILE B 33 7.49 6.46 22.26
N LYS B 34 8.23 6.62 21.16
CA LYS B 34 8.02 5.89 19.93
C LYS B 34 9.14 4.87 19.72
N LYS B 35 8.83 3.56 19.82
CA LYS B 35 9.79 2.48 19.61
C LYS B 35 9.71 2.00 18.14
N ILE B 36 10.67 2.41 17.31
CA ILE B 36 10.74 2.11 15.88
C ILE B 36 11.18 0.67 15.59
N LYS B 37 10.45 0.01 14.69
CA LYS B 37 10.73 -1.35 14.24
C LYS B 37 11.50 -1.26 12.89
N LEU B 38 12.78 -1.68 12.85
CA LEU B 38 13.54 -1.63 11.60
C LEU B 38 14.50 -2.80 11.49
N GLY B 39 14.68 -3.31 10.26
CA GLY B 39 15.55 -4.45 10.01
C GLY B 39 15.94 -4.62 8.56
N ASN B 49 23.59 3.18 16.83
CA ASN B 49 23.66 3.32 15.38
C ASN B 49 24.21 4.69 14.99
N ARG B 50 25.35 4.70 14.26
CA ARG B 50 26.03 5.92 13.80
C ARG B 50 25.23 6.74 12.78
N THR B 51 24.63 6.06 11.78
CA THR B 51 23.84 6.72 10.73
C THR B 51 22.54 7.34 11.26
N ALA B 52 22.00 6.78 12.35
CA ALA B 52 20.76 7.28 12.95
C ALA B 52 21.05 8.55 13.75
N LEU B 53 22.17 8.58 14.49
CA LEU B 53 22.58 9.73 15.30
C LEU B 53 22.71 11.00 14.48
N ARG B 54 23.09 10.88 13.21
CA ARG B 54 23.24 12.02 12.32
C ARG B 54 21.89 12.72 12.11
N GLU B 55 20.81 11.94 11.97
CA GLU B 55 19.47 12.48 11.79
C GLU B 55 18.85 12.88 13.13
N ILE B 56 19.12 12.11 14.19
CA ILE B 56 18.57 12.35 15.53
C ILE B 56 19.09 13.64 16.14
N LYS B 57 20.39 13.94 16.01
CA LYS B 57 20.94 15.18 16.54
C LYS B 57 20.43 16.41 15.78
N LEU B 58 20.14 16.26 14.48
CA LEU B 58 19.57 17.34 13.67
C LEU B 58 18.14 17.62 14.16
N LEU B 59 17.35 16.57 14.42
CA LEU B 59 15.98 16.73 14.92
C LEU B 59 15.96 17.36 16.31
N GLN B 60 16.93 16.99 17.16
CA GLN B 60 17.05 17.56 18.50
C GLN B 60 17.37 19.06 18.47
N GLU B 61 18.11 19.49 17.45
CA GLU B 61 18.48 20.88 17.28
C GLU B 61 17.31 21.77 16.83
N LEU B 62 16.31 21.18 16.13
CA LEU B 62 15.16 21.94 15.66
C LEU B 62 14.35 22.46 16.83
N SER B 63 13.85 23.69 16.69
CA SER B 63 13.05 24.32 17.74
C SER B 63 12.05 25.32 17.17
N HIS B 64 10.77 24.98 17.22
CA HIS B 64 9.69 25.83 16.77
C HIS B 64 8.45 25.42 17.54
N PRO B 65 7.68 26.40 18.04
CA PRO B 65 6.48 26.06 18.82
C PRO B 65 5.45 25.21 18.09
N ASN B 66 5.43 25.24 16.75
CA ASN B 66 4.46 24.48 15.96
C ASN B 66 5.05 23.22 15.32
N ILE B 67 6.15 22.69 15.89
CA ILE B 67 6.84 21.48 15.44
C ILE B 67 7.06 20.60 16.66
N ILE B 68 6.77 19.29 16.59
CA ILE B 68 6.97 18.36 17.71
C ILE B 68 8.45 18.34 18.10
N GLY B 69 8.74 18.44 19.39
CA GLY B 69 10.12 18.48 19.86
C GLY B 69 10.65 17.10 20.19
N LEU B 70 11.86 16.79 19.72
CA LEU B 70 12.52 15.54 20.07
C LEU B 70 13.27 15.83 21.35
N LEU B 71 12.88 15.16 22.44
CA LEU B 71 13.44 15.39 23.77
C LEU B 71 14.65 14.54 24.10
N ASP B 72 14.65 13.29 23.66
CA ASP B 72 15.70 12.34 23.97
C ASP B 72 15.63 11.11 23.06
N ALA B 73 16.71 10.30 23.01
CA ALA B 73 16.73 9.09 22.20
C ALA B 73 17.65 8.02 22.77
N PHE B 74 17.28 6.75 22.52
CA PHE B 74 18.00 5.55 22.98
C PHE B 74 17.50 4.27 22.21
N GLY B 75 17.94 3.07 22.64
CA GLY B 75 17.54 1.82 22.01
C GLY B 75 18.68 0.82 21.93
N ASN B 79 15.98 -1.61 16.63
CA ASN B 79 14.95 -0.90 17.40
C ASN B 79 15.50 0.36 18.13
N ILE B 80 14.86 1.51 17.88
CA ILE B 80 15.26 2.77 18.50
C ILE B 80 14.03 3.41 19.14
N SER B 81 14.17 3.95 20.36
CA SER B 81 13.08 4.65 21.01
C SER B 81 13.33 6.16 20.97
N LEU B 82 12.33 6.93 20.51
CA LEU B 82 12.42 8.38 20.42
C LEU B 82 11.43 9.01 21.40
N VAL B 83 11.87 9.97 22.22
CA VAL B 83 11.03 10.61 23.23
C VAL B 83 10.55 12.02 22.83
N PHE B 84 9.23 12.23 22.78
CA PHE B 84 8.65 13.53 22.43
C PHE B 84 7.69 14.01 23.51
N ASP B 85 7.21 15.26 23.39
CA ASP B 85 6.19 15.78 24.30
C ASP B 85 4.89 15.04 23.98
N PHE B 86 4.13 14.68 25.01
CA PHE B 86 2.86 14.00 24.81
C PHE B 86 1.82 15.02 24.34
N MET B 87 1.05 14.68 23.29
CA MET B 87 -0.01 15.54 22.79
C MET B 87 -1.38 14.94 23.11
N GLU B 88 -2.39 15.77 23.33
CA GLU B 88 -3.72 15.32 23.74
C GLU B 88 -4.54 14.62 22.62
N THR B 89 -4.77 15.32 21.48
CA THR B 89 -5.49 14.86 20.28
C THR B 89 -4.72 15.33 18.99
N ASP B 90 -5.37 15.22 17.82
CA ASP B 90 -4.90 15.65 16.53
C ASP B 90 -6.08 16.36 15.82
N LEU B 91 -5.82 16.97 14.66
CA LEU B 91 -6.85 17.66 13.91
C LEU B 91 -7.89 16.69 13.33
N GLU B 92 -7.59 15.38 13.22
CA GLU B 92 -8.56 14.42 12.69
C GLU B 92 -9.68 14.17 13.68
N VAL B 93 -9.34 14.04 14.98
CA VAL B 93 -10.32 13.83 16.05
C VAL B 93 -11.28 15.03 16.10
N ILE B 94 -10.72 16.24 16.00
CA ILE B 94 -11.49 17.48 16.01
C ILE B 94 -12.45 17.55 14.84
N ILE B 95 -11.94 17.28 13.62
CA ILE B 95 -12.74 17.31 12.40
C ILE B 95 -13.91 16.33 12.46
N LYS B 96 -13.68 15.13 12.99
CA LYS B 96 -14.71 14.10 13.08
C LYS B 96 -15.70 14.28 14.23
N ASP B 97 -15.41 15.17 15.18
CA ASP B 97 -16.31 15.42 16.31
C ASP B 97 -17.52 16.27 15.91
N ASN B 98 -18.71 15.62 15.76
CA ASN B 98 -19.95 16.30 15.35
C ASN B 98 -20.36 17.35 16.37
N SER B 99 -20.07 17.13 17.66
CA SER B 99 -20.40 18.08 18.72
C SER B 99 -19.55 19.37 18.66
N LEU B 100 -18.42 19.36 17.94
CA LEU B 100 -17.56 20.54 17.83
C LEU B 100 -18.00 21.45 16.69
N VAL B 101 -17.83 22.76 16.85
CA VAL B 101 -18.23 23.75 15.84
C VAL B 101 -16.98 24.51 15.42
N LEU B 102 -16.61 24.44 14.14
CA LEU B 102 -15.42 25.14 13.67
C LEU B 102 -15.74 26.47 13.08
N THR B 103 -15.56 27.55 13.84
CA THR B 103 -15.83 28.90 13.36
C THR B 103 -14.70 29.38 12.46
N PRO B 104 -14.90 30.44 11.64
CA PRO B 104 -13.79 30.94 10.80
C PRO B 104 -12.51 31.24 11.58
N SER B 105 -12.64 31.80 12.80
CA SER B 105 -11.51 32.11 13.66
C SER B 105 -10.78 30.83 14.13
N HIS B 106 -11.52 29.72 14.32
CA HIS B 106 -10.90 28.45 14.71
C HIS B 106 -10.08 27.93 13.54
N ILE B 107 -10.65 27.91 12.32
CA ILE B 107 -9.94 27.45 11.12
C ILE B 107 -8.68 28.28 10.88
N LYS B 108 -8.79 29.60 10.94
CA LYS B 108 -7.64 30.48 10.75
C LYS B 108 -6.52 30.19 11.75
N ALA B 109 -6.86 29.86 13.01
CA ALA B 109 -5.86 29.53 14.02
C ALA B 109 -5.12 28.24 13.64
N TYR B 110 -5.84 27.17 13.27
CA TYR B 110 -5.21 25.91 12.88
C TYR B 110 -4.34 26.10 11.65
N MET B 111 -4.81 26.88 10.67
CA MET B 111 -4.03 27.15 9.46
C MET B 111 -2.78 27.95 9.73
N LEU B 112 -2.86 28.97 10.57
CA LEU B 112 -1.72 29.81 10.94
C LEU B 112 -0.63 28.98 11.58
N MET B 113 -1.00 28.14 12.54
CA MET B 113 -0.04 27.27 13.21
C MET B 113 0.58 26.24 12.26
N THR B 114 -0.24 25.53 11.47
CA THR B 114 0.24 24.54 10.49
C THR B 114 1.27 25.16 9.54
N LEU B 115 0.94 26.31 8.93
CA LEU B 115 1.79 27.04 7.99
C LEU B 115 3.04 27.60 8.63
N GLN B 116 2.96 28.02 9.91
CA GLN B 116 4.14 28.52 10.62
C GLN B 116 5.13 27.38 10.88
N GLY B 117 4.63 26.20 11.24
CA GLY B 117 5.45 25.03 11.46
C GLY B 117 6.07 24.53 10.17
N LEU B 118 5.29 24.49 9.07
CA LEU B 118 5.76 24.04 7.76
C LEU B 118 6.84 24.98 7.24
N GLU B 119 6.67 26.30 7.43
CA GLU B 119 7.63 27.29 6.98
C GLU B 119 8.98 27.08 7.66
N TYR B 120 8.98 26.70 8.95
CA TYR B 120 10.19 26.44 9.69
C TYR B 120 10.91 25.25 9.08
N LEU B 121 10.18 24.16 8.82
CA LEU B 121 10.74 22.96 8.21
C LEU B 121 11.34 23.27 6.84
N HIS B 122 10.58 23.94 5.97
CA HIS B 122 11.05 24.26 4.63
C HIS B 122 12.28 25.18 4.67
N GLN B 123 12.32 26.11 5.64
CA GLN B 123 13.47 26.97 5.81
C GLN B 123 14.70 26.17 6.19
N HIS B 124 14.53 25.09 6.98
CA HIS B 124 15.62 24.22 7.37
C HIS B 124 15.81 23.01 6.45
N TRP B 125 15.28 23.10 5.22
CA TRP B 125 15.41 22.10 4.18
C TRP B 125 14.89 20.72 4.58
N ILE B 126 13.70 20.68 5.18
CA ILE B 126 13.05 19.44 5.57
C ILE B 126 11.64 19.43 4.99
N LEU B 127 11.27 18.39 4.25
CA LEU B 127 9.91 18.22 3.74
C LEU B 127 9.18 17.33 4.74
N HIS B 128 7.90 17.60 5.00
CA HIS B 128 7.11 16.74 5.89
C HIS B 128 6.85 15.39 5.15
N ARG B 129 6.40 15.45 3.88
CA ARG B 129 6.13 14.29 3.01
CA ARG B 129 6.13 14.30 3.01
C ARG B 129 4.90 13.47 3.39
N ASP B 130 4.26 13.74 4.54
CA ASP B 130 3.12 12.96 4.98
C ASP B 130 2.10 13.82 5.73
N LEU B 131 1.83 15.04 5.23
CA LEU B 131 0.88 15.92 5.89
C LEU B 131 -0.53 15.40 5.73
N LYS B 132 -1.22 15.25 6.86
CA LYS B 132 -2.63 14.85 6.98
C LYS B 132 -3.15 15.24 8.36
N PRO B 133 -4.49 15.31 8.59
CA PRO B 133 -4.98 15.81 9.89
C PRO B 133 -4.41 15.10 11.12
N ASN B 134 -4.29 13.76 11.11
CA ASN B 134 -3.77 13.02 12.26
C ASN B 134 -2.28 13.25 12.55
N ASN B 135 -1.59 14.03 11.72
CA ASN B 135 -0.20 14.42 11.93
C ASN B 135 -0.05 15.85 12.44
N LEU B 136 -1.16 16.57 12.68
CA LEU B 136 -1.19 17.91 13.23
C LEU B 136 -1.77 17.70 14.61
N LEU B 137 -0.90 17.55 15.62
CA LEU B 137 -1.29 17.25 17.00
C LEU B 137 -1.57 18.49 17.84
N LEU B 138 -2.41 18.38 18.87
CA LEU B 138 -2.74 19.52 19.72
C LEU B 138 -2.51 19.22 21.21
N ASP B 139 -1.99 20.19 21.96
CA ASP B 139 -1.78 20.02 23.40
C ASP B 139 -2.98 20.63 24.20
N GLU B 140 -2.97 20.54 25.54
CA GLU B 140 -4.09 21.06 26.33
C GLU B 140 -4.26 22.59 26.20
N ASN B 141 -3.17 23.31 25.90
CA ASN B 141 -3.24 24.76 25.74
C ASN B 141 -3.61 25.23 24.32
N GLY B 142 -4.06 24.29 23.47
CA GLY B 142 -4.44 24.59 22.09
C GLY B 142 -3.29 24.96 21.17
N VAL B 143 -2.13 24.29 21.31
CA VAL B 143 -0.99 24.55 20.43
C VAL B 143 -0.83 23.40 19.47
N LEU B 144 -0.89 23.69 18.15
CA LEU B 144 -0.74 22.70 17.09
C LEU B 144 0.73 22.48 16.83
N LYS B 145 1.13 21.21 16.70
CA LYS B 145 2.51 20.83 16.42
C LYS B 145 2.55 19.75 15.31
N LEU B 146 3.38 19.92 14.27
CA LEU B 146 3.46 18.91 13.20
C LEU B 146 4.26 17.71 13.70
N ALA B 147 3.88 16.48 13.32
CA ALA B 147 4.60 15.28 13.72
C ALA B 147 4.76 14.27 12.57
N ASP B 148 5.71 13.32 12.67
CA ASP B 148 5.97 12.26 11.68
C ASP B 148 6.69 12.76 10.43
N PHE B 149 7.81 13.47 10.59
CA PHE B 149 8.53 14.04 9.46
C PHE B 149 10.06 13.79 9.54
N GLY B 150 10.75 14.10 8.43
CA GLY B 150 12.20 14.08 8.31
C GLY B 150 12.89 12.80 8.70
N LEU B 151 12.74 11.78 7.82
CA LEU B 151 13.28 10.41 7.87
C LEU B 151 13.53 9.92 9.29
N ALA B 152 12.52 10.06 10.15
CA ALA B 152 12.62 9.55 11.52
C ALA B 152 12.64 8.01 11.47
N LYS B 153 12.00 7.37 10.44
CA LYS B 153 11.97 5.92 10.26
C LYS B 153 13.15 5.34 9.43
N SER B 154 13.61 6.08 8.40
CA SER B 154 14.73 5.68 7.51
C SER B 154 14.46 4.36 6.78
N VAL B 167 -5.46 5.97 2.61
CA VAL B 167 -5.90 7.19 3.28
C VAL B 167 -4.89 8.32 3.06
N THR B 168 -3.56 8.01 2.97
CA THR B 168 -2.54 9.05 2.64
C THR B 168 -2.66 9.54 1.18
N ARG B 169 -3.29 8.72 0.32
CA ARG B 169 -3.53 9.00 -1.08
C ARG B 169 -4.45 10.21 -1.25
N TRP B 170 -5.38 10.44 -0.32
CA TRP B 170 -6.31 11.57 -0.35
C TRP B 170 -5.62 12.95 -0.29
N TYR B 171 -4.45 13.01 0.32
CA TYR B 171 -3.68 14.25 0.46
C TYR B 171 -2.50 14.33 -0.52
N ARG B 172 -2.34 13.34 -1.39
CA ARG B 172 -1.25 13.24 -2.33
C ARG B 172 -1.39 14.18 -3.52
N ALA B 173 -0.31 14.93 -3.83
CA ALA B 173 -0.28 15.89 -4.93
C ALA B 173 -0.34 15.20 -6.29
N PRO B 174 -0.88 15.85 -7.34
CA PRO B 174 -0.97 15.17 -8.65
C PRO B 174 0.39 14.77 -9.26
N GLU B 175 1.46 15.52 -8.97
CA GLU B 175 2.78 15.16 -9.51
C GLU B 175 3.25 13.82 -8.91
N LEU B 176 2.91 13.52 -7.63
CA LEU B 176 3.27 12.25 -7.00
C LEU B 176 2.44 11.12 -7.59
N LEU B 177 1.13 11.36 -7.79
CA LEU B 177 0.23 10.37 -8.39
C LEU B 177 0.67 10.02 -9.82
N PHE B 178 1.31 10.97 -10.53
CA PHE B 178 1.87 10.70 -11.86
C PHE B 178 3.31 10.17 -11.80
N GLY B 179 3.73 9.64 -10.66
CA GLY B 179 5.03 9.01 -10.47
C GLY B 179 6.29 9.85 -10.41
N ALA B 180 6.18 11.17 -10.14
CA ALA B 180 7.38 12.01 -10.07
C ALA B 180 8.37 11.57 -9.02
N ARG B 181 9.64 11.54 -9.41
CA ARG B 181 10.75 11.18 -8.54
C ARG B 181 11.37 12.44 -7.89
N MET B 182 11.44 13.52 -8.67
CA MET B 182 11.94 14.78 -8.16
C MET B 182 10.74 15.62 -7.75
N TYR B 183 10.67 15.98 -6.47
CA TYR B 183 9.58 16.81 -5.99
C TYR B 183 10.05 17.77 -4.88
N GLY B 184 9.23 18.78 -4.55
CA GLY B 184 9.58 19.74 -3.54
C GLY B 184 8.47 20.13 -2.59
N VAL B 185 8.49 21.40 -2.16
CA VAL B 185 7.53 21.95 -1.20
C VAL B 185 6.09 21.83 -1.63
N GLY B 186 5.83 21.81 -2.93
CA GLY B 186 4.47 21.68 -3.48
C GLY B 186 3.73 20.45 -3.01
N VAL B 187 4.45 19.41 -2.69
CA VAL B 187 3.91 18.16 -2.19
C VAL B 187 3.27 18.40 -0.81
N ASP B 188 3.93 19.17 0.05
CA ASP B 188 3.38 19.51 1.36
C ASP B 188 2.29 20.56 1.24
N MET B 189 2.45 21.52 0.32
CA MET B 189 1.48 22.60 0.13
C MET B 189 0.16 22.11 -0.38
N TRP B 190 0.18 21.11 -1.26
CA TRP B 190 -1.06 20.51 -1.76
C TRP B 190 -1.81 19.86 -0.61
N ALA B 191 -1.10 19.13 0.25
CA ALA B 191 -1.69 18.48 1.42
C ALA B 191 -2.30 19.48 2.37
N VAL B 192 -1.69 20.68 2.49
CA VAL B 192 -2.20 21.77 3.33
C VAL B 192 -3.55 22.26 2.81
N GLY B 193 -3.69 22.36 1.49
CA GLY B 193 -4.95 22.75 0.88
C GLY B 193 -6.04 21.72 1.15
N CYS B 194 -5.68 20.43 1.18
CA CYS B 194 -6.59 19.33 1.47
C CYS B 194 -7.06 19.36 2.92
N ILE B 195 -6.17 19.75 3.83
CA ILE B 195 -6.50 19.85 5.25
C ILE B 195 -7.44 21.06 5.44
N LEU B 196 -7.13 22.20 4.77
CA LEU B 196 -7.98 23.39 4.80
C LEU B 196 -9.38 23.07 4.29
N ALA B 197 -9.47 22.31 3.19
CA ALA B 197 -10.75 21.90 2.63
C ALA B 197 -11.52 20.96 3.58
N GLU B 198 -10.80 20.14 4.35
CA GLU B 198 -11.42 19.24 5.31
C GLU B 198 -11.94 20.01 6.54
N LEU B 199 -11.27 21.08 6.93
CA LEU B 199 -11.75 21.90 8.05
C LEU B 199 -13.03 22.61 7.61
N LEU B 200 -13.10 23.05 6.34
CA LEU B 200 -14.27 23.75 5.83
C LEU B 200 -15.46 22.82 5.55
N LEU B 201 -15.21 21.63 4.99
CA LEU B 201 -16.29 20.70 4.64
C LEU B 201 -16.64 19.68 5.71
N ARG B 202 -15.70 19.44 6.64
CA ARG B 202 -15.80 18.44 7.72
C ARG B 202 -15.78 16.98 7.24
N VAL B 203 -15.43 16.77 5.96
CA VAL B 203 -15.25 15.47 5.32
C VAL B 203 -14.02 15.58 4.40
N PRO B 204 -13.33 14.47 4.11
CA PRO B 204 -12.18 14.54 3.18
C PRO B 204 -12.57 15.13 1.82
N PHE B 205 -11.78 16.09 1.33
CA PHE B 205 -12.02 16.78 0.07
C PHE B 205 -12.04 15.86 -1.15
N LEU B 206 -11.03 15.01 -1.31
CA LEU B 206 -10.92 14.14 -2.48
C LEU B 206 -10.67 12.70 -2.02
N PRO B 207 -11.74 11.96 -1.65
CA PRO B 207 -11.54 10.61 -1.13
C PRO B 207 -11.45 9.50 -2.19
N GLY B 208 -10.35 9.47 -2.92
CA GLY B 208 -10.15 8.46 -3.96
C GLY B 208 -10.04 7.05 -3.41
N ASP B 209 -10.62 6.07 -4.11
CA ASP B 209 -10.53 4.66 -3.68
C ASP B 209 -9.35 3.89 -4.30
N SER B 210 -8.47 4.60 -5.03
CA SER B 210 -7.29 4.04 -5.71
C SER B 210 -6.44 5.19 -6.24
N ASP B 211 -5.18 4.94 -6.63
CA ASP B 211 -4.34 6.02 -7.17
C ASP B 211 -4.94 6.61 -8.45
N LEU B 212 -5.63 5.80 -9.24
CA LEU B 212 -6.26 6.25 -10.48
C LEU B 212 -7.53 7.04 -10.17
N ASP B 213 -8.34 6.55 -9.21
CA ASP B 213 -9.54 7.28 -8.79
C ASP B 213 -9.19 8.59 -8.09
N GLN B 214 -8.05 8.67 -7.42
CA GLN B 214 -7.60 9.89 -6.77
C GLN B 214 -7.35 10.97 -7.83
N LEU B 215 -6.67 10.63 -8.93
CA LEU B 215 -6.45 11.57 -10.02
C LEU B 215 -7.76 11.97 -10.67
N THR B 216 -8.71 11.02 -10.83
CA THR B 216 -10.02 11.33 -11.40
C THR B 216 -10.75 12.37 -10.52
N ARG B 217 -10.76 12.17 -9.20
CA ARG B 217 -11.43 13.09 -8.30
C ARG B 217 -10.80 14.47 -8.32
N ILE B 218 -9.48 14.55 -8.47
CA ILE B 218 -8.77 15.83 -8.53
C ILE B 218 -9.18 16.58 -9.76
N PHE B 219 -9.20 15.91 -10.91
CA PHE B 219 -9.55 16.52 -12.18
C PHE B 219 -11.03 16.84 -12.33
N GLU B 220 -11.94 15.99 -11.83
CA GLU B 220 -13.38 16.28 -11.88
C GLU B 220 -13.70 17.54 -11.05
N THR B 221 -13.01 17.71 -9.89
CA THR B 221 -13.22 18.83 -8.97
C THR B 221 -12.52 20.12 -9.39
N LEU B 222 -11.22 20.05 -9.68
CA LEU B 222 -10.44 21.24 -10.02
C LEU B 222 -10.28 21.51 -11.52
N GLY B 223 -10.72 20.59 -12.36
CA GLY B 223 -10.58 20.71 -13.80
C GLY B 223 -9.37 19.98 -14.32
N THR B 224 -9.36 19.53 -15.59
CA THR B 224 -8.19 18.86 -16.14
C THR B 224 -7.20 19.94 -16.56
N PRO B 225 -5.94 19.88 -16.10
CA PRO B 225 -4.97 20.93 -16.45
C PRO B 225 -4.57 20.88 -17.93
N THR B 226 -4.26 22.03 -18.48
CA THR B 226 -3.80 22.16 -19.86
C THR B 226 -2.25 22.26 -19.87
N GLU B 227 -1.61 22.23 -21.06
CA GLU B 227 -0.16 22.42 -21.12
C GLU B 227 0.24 23.85 -20.65
N GLU B 228 -0.70 24.80 -20.62
CA GLU B 228 -0.51 26.15 -20.16
C GLU B 228 -0.52 26.17 -18.62
N GLN B 229 -1.52 25.52 -17.98
CA GLN B 229 -1.64 25.45 -16.52
C GLN B 229 -0.50 24.64 -15.91
N TRP B 230 -0.12 23.53 -16.57
CA TRP B 230 0.95 22.68 -16.09
C TRP B 230 1.88 22.27 -17.23
N PRO B 231 2.86 23.12 -17.55
CA PRO B 231 3.84 22.74 -18.60
C PRO B 231 4.75 21.65 -18.02
N ASP B 232 5.16 20.69 -18.87
CA ASP B 232 5.99 19.55 -18.47
C ASP B 232 5.20 18.43 -17.77
N MET B 233 3.87 18.52 -17.75
CA MET B 233 3.02 17.49 -17.15
C MET B 233 3.16 16.18 -17.93
N CYS B 234 3.23 16.26 -19.26
CA CYS B 234 3.33 15.10 -20.14
C CYS B 234 4.63 14.31 -20.01
N SER B 235 5.67 14.93 -19.46
CA SER B 235 6.96 14.26 -19.29
C SER B 235 7.07 13.47 -17.97
N LEU B 236 6.01 13.49 -17.11
CA LEU B 236 6.02 12.75 -15.85
C LEU B 236 6.06 11.24 -16.12
N PRO B 237 6.76 10.49 -15.26
CA PRO B 237 6.91 9.04 -15.52
C PRO B 237 5.62 8.28 -15.76
N ASP B 238 4.61 8.45 -14.90
CA ASP B 238 3.34 7.75 -15.05
C ASP B 238 2.23 8.61 -15.66
N TYR B 239 2.58 9.61 -16.51
CA TYR B 239 1.57 10.45 -17.15
C TYR B 239 0.62 9.66 -18.04
N VAL B 240 -0.68 9.92 -17.89
CA VAL B 240 -1.73 9.31 -18.69
C VAL B 240 -2.77 10.37 -19.07
N THR B 241 -3.44 10.20 -20.21
CA THR B 241 -4.41 11.18 -20.68
C THR B 241 -5.82 10.88 -20.12
N PHE B 242 -6.29 11.80 -19.28
CA PHE B 242 -7.60 11.75 -18.64
C PHE B 242 -8.65 12.49 -19.49
N LYS B 243 -9.95 12.18 -19.27
CA LYS B 243 -11.02 12.90 -19.98
C LYS B 243 -11.01 14.38 -19.54
N SER B 244 -11.36 15.31 -20.44
CA SER B 244 -11.35 16.72 -20.11
C SER B 244 -12.55 17.12 -19.26
N PHE B 245 -12.28 17.52 -18.02
CA PHE B 245 -13.30 17.94 -17.06
C PHE B 245 -13.23 19.44 -16.88
N PRO B 246 -14.39 20.11 -16.81
CA PRO B 246 -14.38 21.57 -16.61
C PRO B 246 -14.01 21.98 -15.19
N GLY B 247 -14.40 21.16 -14.20
CA GLY B 247 -14.16 21.48 -12.81
C GLY B 247 -15.29 22.28 -12.21
N ILE B 248 -15.38 22.29 -10.89
CA ILE B 248 -16.42 23.03 -10.18
C ILE B 248 -15.77 24.30 -9.61
N PRO B 249 -16.35 25.50 -9.85
CA PRO B 249 -15.73 26.72 -9.31
C PRO B 249 -15.55 26.65 -7.80
N LEU B 250 -14.39 27.08 -7.30
CA LEU B 250 -14.07 27.04 -5.87
C LEU B 250 -15.08 27.72 -5.01
N HIS B 251 -15.70 28.81 -5.50
CA HIS B 251 -16.73 29.52 -4.76
C HIS B 251 -17.98 28.66 -4.55
N HIS B 252 -18.29 27.74 -5.48
CA HIS B 252 -19.45 26.86 -5.31
CA HIS B 252 -19.45 26.84 -5.35
C HIS B 252 -19.11 25.75 -4.32
N ILE B 253 -17.89 25.20 -4.37
CA ILE B 253 -17.45 24.15 -3.44
C ILE B 253 -17.46 24.68 -2.00
N PHE B 254 -16.78 25.80 -1.75
CA PHE B 254 -16.67 26.38 -0.42
C PHE B 254 -17.58 27.62 -0.29
N SER B 255 -18.88 27.38 -0.24
CA SER B 255 -19.88 28.44 -0.20
C SER B 255 -19.77 29.39 0.99
N ALA B 256 -19.19 28.97 2.11
CA ALA B 256 -19.07 29.85 3.29
C ALA B 256 -17.72 30.55 3.38
N ALA B 257 -16.88 30.49 2.34
CA ALA B 257 -15.58 31.11 2.35
C ALA B 257 -15.60 32.47 1.65
N GLY B 258 -14.88 33.43 2.22
CA GLY B 258 -14.76 34.75 1.60
C GLY B 258 -13.71 34.74 0.51
N ASP B 259 -13.62 35.84 -0.23
CA ASP B 259 -12.66 35.98 -1.33
C ASP B 259 -11.20 35.81 -0.91
N ASP B 260 -10.84 36.24 0.31
CA ASP B 260 -9.49 36.08 0.84
C ASP B 260 -9.13 34.61 1.07
N LEU B 261 -10.11 33.81 1.52
CA LEU B 261 -9.90 32.39 1.78
C LEU B 261 -9.90 31.63 0.45
N LEU B 262 -10.75 32.02 -0.51
CA LEU B 262 -10.75 31.40 -1.84
C LEU B 262 -9.41 31.62 -2.54
N ASP B 263 -8.75 32.77 -2.33
CA ASP B 263 -7.46 33.02 -2.95
C ASP B 263 -6.40 32.10 -2.33
N LEU B 264 -6.48 31.85 -1.01
CA LEU B 264 -5.55 30.97 -0.33
C LEU B 264 -5.71 29.54 -0.87
N ILE B 265 -6.96 29.06 -0.99
CA ILE B 265 -7.27 27.74 -1.52
C ILE B 265 -6.79 27.61 -2.97
N GLN B 266 -7.05 28.63 -3.80
CA GLN B 266 -6.61 28.59 -5.20
C GLN B 266 -5.08 28.43 -5.34
N GLY B 267 -4.32 29.17 -4.53
CA GLY B 267 -2.87 29.10 -4.58
C GLY B 267 -2.32 27.76 -4.13
N LEU B 268 -3.00 27.12 -3.17
CA LEU B 268 -2.60 25.81 -2.66
C LEU B 268 -2.88 24.68 -3.65
N PHE B 269 -3.86 24.86 -4.56
CA PHE B 269 -4.23 23.82 -5.51
C PHE B 269 -3.82 24.07 -6.94
N LEU B 270 -2.83 24.94 -7.18
CA LEU B 270 -2.36 25.17 -8.55
C LEU B 270 -1.69 23.88 -9.05
N PHE B 271 -1.97 23.46 -10.28
CA PHE B 271 -1.42 22.21 -10.79
C PHE B 271 0.09 22.23 -10.93
N ASN B 272 0.67 23.31 -11.49
CA ASN B 272 2.12 23.43 -11.66
C ASN B 272 2.80 23.48 -10.29
N PRO B 273 3.60 22.46 -9.95
CA PRO B 273 4.27 22.44 -8.63
C PRO B 273 5.15 23.66 -8.34
N CYS B 274 5.70 24.27 -9.40
CA CYS B 274 6.54 25.46 -9.31
C CYS B 274 5.73 26.72 -9.07
N ALA B 275 4.49 26.77 -9.58
CA ALA B 275 3.61 27.93 -9.42
C ALA B 275 2.85 27.89 -8.11
N ARG B 276 2.63 26.68 -7.53
CA ARG B 276 1.91 26.49 -6.27
C ARG B 276 2.51 27.38 -5.16
N ILE B 277 1.65 27.99 -4.36
CA ILE B 277 2.05 28.89 -3.29
C ILE B 277 2.96 28.21 -2.25
N THR B 278 3.98 28.92 -1.79
CA THR B 278 4.88 28.42 -0.74
C THR B 278 4.30 28.73 0.65
N ALA B 279 4.87 28.18 1.75
CA ALA B 279 4.37 28.47 3.10
C ALA B 279 4.58 29.93 3.48
N THR B 280 5.67 30.54 3.01
CA THR B 280 5.94 31.95 3.29
C THR B 280 4.96 32.84 2.51
N GLN B 281 4.71 32.49 1.24
CA GLN B 281 3.77 33.23 0.41
C GLN B 281 2.36 33.15 1.00
N ALA B 282 1.96 31.95 1.49
CA ALA B 282 0.65 31.72 2.09
C ALA B 282 0.46 32.53 3.37
N LEU B 283 1.50 32.62 4.21
CA LEU B 283 1.41 33.38 5.46
C LEU B 283 1.26 34.89 5.22
N LYS B 284 1.70 35.39 4.05
CA LYS B 284 1.58 36.81 3.72
C LYS B 284 0.26 37.15 3.03
N MET B 285 -0.62 36.15 2.75
CA MET B 285 -1.90 36.40 2.09
C MET B 285 -2.76 37.29 3.00
N LYS B 286 -3.64 38.11 2.39
CA LYS B 286 -4.51 39.00 3.16
C LYS B 286 -5.40 38.24 4.13
N TYR B 287 -5.72 36.97 3.84
CA TYR B 287 -6.51 36.11 4.73
C TYR B 287 -6.05 36.16 6.19
N PHE B 288 -4.73 36.03 6.43
CA PHE B 288 -4.16 35.99 7.78
C PHE B 288 -4.13 37.35 8.47
N SER B 289 -4.17 38.44 7.71
CA SER B 289 -4.19 39.79 8.28
C SER B 289 -5.60 40.40 8.35
N ASN B 290 -6.60 39.74 7.75
CA ASN B 290 -7.99 40.22 7.76
C ASN B 290 -8.74 39.80 9.01
N ARG B 291 -9.78 40.57 9.36
CA ARG B 291 -10.58 40.26 10.54
C ARG B 291 -11.67 39.26 10.16
N PRO B 292 -12.05 38.35 11.06
CA PRO B 292 -11.56 38.19 12.43
C PRO B 292 -10.22 37.48 12.48
N GLY B 293 -9.54 37.65 13.60
CA GLY B 293 -8.26 37.03 13.84
C GLY B 293 -8.41 35.60 14.32
N PRO B 294 -7.29 34.89 14.46
CA PRO B 294 -7.35 33.50 14.92
C PRO B 294 -7.73 33.35 16.39
N THR B 295 -8.50 32.29 16.70
CA THR B 295 -8.92 31.98 18.06
C THR B 295 -7.69 31.67 18.89
N PRO B 296 -7.57 32.25 20.11
CA PRO B 296 -6.42 31.91 20.97
C PRO B 296 -6.46 30.43 21.36
N GLY B 297 -5.28 29.85 21.57
CA GLY B 297 -5.16 28.43 21.91
C GLY B 297 -6.10 27.91 22.99
N CYS B 298 -6.19 28.62 24.11
CA CYS B 298 -7.04 28.25 25.24
C CYS B 298 -8.54 28.21 24.89
N GLN B 299 -8.95 28.94 23.85
CA GLN B 299 -10.35 28.96 23.44
C GLN B 299 -10.67 28.05 22.25
N LEU B 300 -9.68 27.27 21.76
CA LEU B 300 -9.92 26.35 20.65
C LEU B 300 -10.67 25.13 21.18
N PRO B 301 -11.65 24.64 20.42
CA PRO B 301 -12.46 23.49 20.90
C PRO B 301 -11.69 22.22 21.20
N ARG B 302 -11.98 21.62 22.36
CA ARG B 302 -11.35 20.39 22.84
C ARG B 302 -12.41 19.28 22.93
N PRO B 303 -12.08 18.05 22.52
CA PRO B 303 -13.09 16.97 22.55
C PRO B 303 -13.53 16.53 23.97
#